data_4NKP
#
_entry.id   4NKP
#
_cell.length_a   80.964
_cell.length_b   80.964
_cell.length_c   72.927
_cell.angle_alpha   90.000
_cell.angle_beta   90.000
_cell.angle_gamma   90.000
#
_symmetry.space_group_name_H-M   'P 4'
#
loop_
_entity.id
_entity.type
_entity.pdbx_description
1 polymer 'putative extracellular heme-binding protein'
2 non-polymer 'SULFATE ION'
3 non-polymer GLYCEROL
4 water water
#
_entity_poly.entity_id   1
_entity_poly.type   'polypeptide(L)'
_entity_poly.pdbx_seq_one_letter_code
;GATLENETAGAIVREPVLTGEQAQA(MSE)VEVV(MSE)HEARESGHAVTVTVVDRSGQILAVLRDHHAGVHTLNASYKK
AYTAASQKRETVAIARGIRDGSIPSDIRYLDPNFSL(MSE)EGGIPIILENVVVGGIGVGGAHGSEDGRLARIGLLVLQH
;
_entity_poly.pdbx_strand_id   A,B,C,D
#
# COMPACT_ATOMS: atom_id res chain seq x y z
N ALA A 11 32.56 0.86 -4.17
CA ALA A 11 32.46 1.65 -2.90
C ALA A 11 31.44 1.00 -1.95
N ILE A 12 31.26 1.61 -0.77
CA ILE A 12 30.34 1.06 0.23
C ILE A 12 28.94 1.67 0.11
N VAL A 13 27.96 0.82 -0.17
CA VAL A 13 26.56 1.19 -0.30
C VAL A 13 25.93 1.22 1.08
N ARG A 14 25.17 2.28 1.37
CA ARG A 14 24.42 2.41 2.61
C ARG A 14 22.94 2.50 2.30
N GLU A 15 22.14 1.74 3.03
CA GLU A 15 20.69 1.74 2.86
C GLU A 15 20.00 1.64 4.21
N PRO A 16 18.74 2.06 4.26
CA PRO A 16 18.00 1.87 5.50
C PRO A 16 17.94 0.41 5.90
N VAL A 17 17.91 0.20 7.21
CA VAL A 17 17.69 -1.12 7.77
CA VAL A 17 17.69 -1.13 7.79
C VAL A 17 16.49 -1.03 8.72
N LEU A 18 15.59 -2.00 8.63
CA LEU A 18 14.42 -2.03 9.49
C LEU A 18 14.88 -2.35 10.91
N THR A 19 14.55 -1.48 11.87
CA THR A 19 15.05 -1.66 13.23
C THR A 19 14.10 -2.50 14.08
N GLY A 20 14.62 -3.04 15.16
CA GLY A 20 13.78 -3.77 16.08
C GLY A 20 12.69 -2.88 16.63
N GLU A 21 13.03 -1.63 16.90
CA GLU A 21 12.07 -0.67 17.42
C GLU A 21 10.91 -0.40 16.45
N GLN A 22 11.26 -0.28 15.17
CA GLN A 22 10.24 -0.09 14.15
C GLN A 22 9.34 -1.32 14.05
N ALA A 23 9.94 -2.51 14.04
CA ALA A 23 9.14 -3.74 14.00
C ALA A 23 8.20 -3.84 15.21
N GLN A 24 8.72 -3.53 16.39
CA GLN A 24 7.93 -3.55 17.61
C GLN A 24 6.76 -2.56 17.54
N ALA A 25 7.03 -1.36 17.07
CA ALA A 25 5.97 -0.34 16.98
C ALA A 25 4.85 -0.81 16.06
N VAL A 27 3.97 -4.03 15.24
CA VAL A 27 3.15 -5.11 15.81
C VAL A 27 2.27 -4.62 16.96
N GLU A 28 2.75 -3.67 17.75
CA GLU A 28 1.95 -3.13 18.85
CA GLU A 28 1.95 -3.10 18.85
C GLU A 28 0.68 -2.45 18.31
N VAL A 29 0.81 -1.68 17.25
CA VAL A 29 -0.32 -0.96 16.67
CA VAL A 29 -0.34 -0.97 16.71
C VAL A 29 -1.32 -1.95 16.05
N VAL A 30 -0.80 -2.95 15.36
CA VAL A 30 -1.66 -3.94 14.76
C VAL A 30 -2.48 -4.66 15.83
N HIS A 32 -3.30 -3.67 18.82
CA HIS A 32 -4.28 -2.73 19.36
C HIS A 32 -5.51 -2.67 18.46
N GLU A 33 -5.29 -2.51 17.16
CA GLU A 33 -6.41 -2.45 16.22
CA GLU A 33 -6.41 -2.45 16.22
C GLU A 33 -7.18 -3.77 16.15
N ALA A 34 -6.47 -4.89 16.23
CA ALA A 34 -7.13 -6.19 16.22
C ALA A 34 -8.04 -6.37 17.45
N ARG A 35 -7.57 -5.90 18.61
CA ARG A 35 -8.43 -5.84 19.81
C ARG A 35 -9.69 -5.06 19.55
N GLU A 36 -9.50 -3.86 19.01
CA GLU A 36 -10.63 -2.96 18.75
C GLU A 36 -11.65 -3.56 17.80
N SER A 37 -11.19 -4.33 16.81
CA SER A 37 -12.05 -4.93 15.79
CA SER A 37 -12.07 -4.92 15.80
C SER A 37 -12.56 -6.31 16.18
N GLY A 38 -12.10 -6.84 17.31
CA GLY A 38 -12.53 -8.15 17.82
C GLY A 38 -11.96 -9.36 17.12
N HIS A 39 -10.79 -9.21 16.50
CA HIS A 39 -10.17 -10.32 15.79
C HIS A 39 -9.04 -10.93 16.59
N ALA A 40 -8.85 -12.22 16.40
CA ALA A 40 -7.77 -12.98 17.01
C ALA A 40 -6.76 -13.31 15.91
N VAL A 41 -5.62 -12.61 15.90
CA VAL A 41 -4.65 -12.73 14.82
C VAL A 41 -3.25 -12.95 15.35
N THR A 42 -2.37 -13.28 14.40
CA THR A 42 -0.94 -13.08 14.56
C THR A 42 -0.48 -12.06 13.55
N VAL A 43 0.41 -11.18 14.01
CA VAL A 43 1.14 -10.30 13.12
C VAL A 43 2.63 -10.66 13.22
N THR A 44 3.29 -10.69 12.06
CA THR A 44 4.72 -10.96 11.99
C THR A 44 5.38 -9.91 11.12
N VAL A 45 6.53 -9.44 11.58
CA VAL A 45 7.38 -8.55 10.77
C VAL A 45 8.69 -9.27 10.52
N VAL A 46 9.15 -9.26 9.27
CA VAL A 46 10.42 -9.84 8.89
C VAL A 46 11.35 -8.79 8.34
N ASP A 47 12.64 -9.07 8.45
CA ASP A 47 13.71 -8.23 7.93
C ASP A 47 13.89 -8.40 6.42
N ARG A 48 14.91 -7.76 5.89
CA ARG A 48 15.08 -7.69 4.45
C ARG A 48 15.25 -9.07 3.82
N SER A 49 15.80 -9.97 4.61
CA SER A 49 16.10 -11.32 4.15
C SER A 49 15.11 -12.34 4.68
N GLY A 50 13.93 -11.87 5.08
CA GLY A 50 12.85 -12.76 5.46
C GLY A 50 12.93 -13.37 6.85
N GLN A 51 13.81 -12.84 7.69
CA GLN A 51 13.97 -13.40 9.02
CA GLN A 51 14.00 -13.39 9.03
C GLN A 51 13.25 -12.55 10.04
N ILE A 52 12.56 -13.20 10.96
CA ILE A 52 11.68 -12.53 11.90
C ILE A 52 12.37 -11.45 12.73
N LEU A 53 11.68 -10.32 12.84
CA LEU A 53 11.99 -9.29 13.82
C LEU A 53 10.94 -9.22 14.94
N ALA A 54 9.67 -9.48 14.64
CA ALA A 54 8.63 -9.37 15.64
C ALA A 54 7.47 -10.29 15.31
N VAL A 55 6.88 -10.88 16.33
CA VAL A 55 5.65 -11.65 16.24
C VAL A 55 4.79 -11.34 17.45
N LEU A 56 3.50 -11.12 17.25
CA LEU A 56 2.54 -11.13 18.36
C LEU A 56 1.34 -11.94 17.93
N ARG A 57 0.91 -12.86 18.81
CA ARG A 57 -0.26 -13.70 18.59
C ARG A 57 -1.24 -13.57 19.75
N ASP A 58 -2.52 -13.50 19.40
CA ASP A 58 -3.62 -13.53 20.37
C ASP A 58 -3.82 -14.96 20.87
N HIS A 59 -4.17 -15.12 22.14
CA HIS A 59 -4.32 -16.44 22.73
C HIS A 59 -5.49 -17.26 22.18
N HIS A 60 -6.40 -16.62 21.43
CA HIS A 60 -7.45 -17.34 20.73
C HIS A 60 -7.16 -17.53 19.25
N ALA A 61 -6.02 -17.04 18.78
CA ALA A 61 -5.64 -17.24 17.39
C ALA A 61 -5.06 -18.64 17.23
N GLY A 62 -5.51 -19.35 16.20
CA GLY A 62 -4.99 -20.67 15.93
C GLY A 62 -3.53 -20.62 15.58
N VAL A 63 -2.80 -21.69 15.85
CA VAL A 63 -1.37 -21.68 15.60
C VAL A 63 -1.04 -21.58 14.12
N HIS A 64 -1.98 -21.89 13.22
CA HIS A 64 -1.66 -21.72 11.81
C HIS A 64 -1.37 -20.26 11.50
N THR A 65 -1.88 -19.34 12.32
CA THR A 65 -1.68 -17.93 12.04
C THR A 65 -0.21 -17.51 12.19
N LEU A 66 0.59 -18.29 12.91
CA LEU A 66 2.03 -18.07 12.98
C LEU A 66 2.64 -18.27 11.59
N ASN A 67 2.32 -19.41 10.98
CA ASN A 67 2.81 -19.68 9.64
CA ASN A 67 2.76 -19.71 9.62
C ASN A 67 2.20 -18.72 8.62
N ALA A 68 0.91 -18.45 8.72
CA ALA A 68 0.24 -17.60 7.74
C ALA A 68 0.88 -16.22 7.72
N SER A 69 1.02 -15.63 8.89
CA SER A 69 1.58 -14.29 8.98
C SER A 69 3.04 -14.24 8.55
N TYR A 70 3.84 -15.22 8.97
CA TYR A 70 5.22 -15.27 8.55
C TYR A 70 5.32 -15.40 7.03
N LYS A 71 4.61 -16.37 6.46
CA LYS A 71 4.69 -16.60 5.03
C LYS A 71 4.29 -15.34 4.26
N LYS A 72 3.24 -14.67 4.71
CA LYS A 72 2.80 -13.45 4.01
C LYS A 72 3.86 -12.35 4.08
N ALA A 73 4.44 -12.17 5.27
CA ALA A 73 5.49 -11.17 5.46
C ALA A 73 6.71 -11.49 4.59
N TYR A 74 7.13 -12.75 4.61
CA TYR A 74 8.28 -13.22 3.83
C TYR A 74 8.05 -12.99 2.34
N THR A 75 6.86 -13.36 1.90
CA THR A 75 6.50 -13.28 0.48
C THR A 75 6.51 -11.85 0.03
N ALA A 76 5.87 -10.98 0.79
CA ALA A 76 5.83 -9.57 0.43
C ALA A 76 7.23 -8.94 0.43
N ALA A 77 8.06 -9.30 1.40
CA ALA A 77 9.42 -8.76 1.48
C ALA A 77 10.26 -9.16 0.28
N SER A 78 10.06 -10.39 -0.21
CA SER A 78 10.91 -10.93 -1.27
C SER A 78 10.38 -10.58 -2.66
N GLN A 79 9.06 -10.57 -2.80
CA GLN A 79 8.45 -10.23 -4.07
C GLN A 79 8.29 -8.73 -4.30
N LYS A 80 8.40 -7.95 -3.23
CA LYS A 80 8.28 -6.50 -3.30
C LYS A 80 6.89 -6.07 -3.78
N ARG A 81 5.88 -6.86 -3.45
CA ARG A 81 4.50 -6.53 -3.75
C ARG A 81 3.60 -7.18 -2.72
N GLU A 82 2.43 -6.61 -2.54
CA GLU A 82 1.48 -7.17 -1.60
C GLU A 82 1.05 -8.56 -2.04
N THR A 83 0.81 -9.44 -1.08
CA THR A 83 0.43 -10.81 -1.41
C THR A 83 -0.92 -10.85 -2.15
N VAL A 84 -1.83 -9.93 -1.79
CA VAL A 84 -3.13 -9.83 -2.48
C VAL A 84 -2.94 -9.56 -3.97
N ALA A 85 -1.95 -8.75 -4.32
CA ALA A 85 -1.69 -8.42 -5.72
C ALA A 85 -1.26 -9.65 -6.50
N ILE A 86 -0.47 -10.52 -5.88
CA ILE A 86 0.00 -11.73 -6.54
C ILE A 86 -1.17 -12.68 -6.80
N ALA A 87 -2.04 -12.84 -5.81
CA ALA A 87 -3.26 -13.63 -5.93
C ALA A 87 -4.13 -13.12 -7.08
N ARG A 88 -4.32 -11.81 -7.13
CA ARG A 88 -5.09 -11.16 -8.20
CA ARG A 88 -5.11 -11.19 -8.20
C ARG A 88 -4.47 -11.46 -9.57
N GLY A 89 -3.15 -11.42 -9.63
CA GLY A 89 -2.41 -11.65 -10.86
C GLY A 89 -2.49 -13.07 -11.38
N ILE A 90 -2.51 -14.04 -10.48
CA ILE A 90 -2.72 -15.42 -10.91
C ILE A 90 -4.13 -15.56 -11.48
N ARG A 91 -5.10 -15.01 -10.75
CA ARG A 91 -6.51 -15.13 -11.10
C ARG A 91 -6.81 -14.52 -12.47
N ASP A 92 -6.18 -13.40 -12.80
CA ASP A 92 -6.42 -12.77 -14.10
C ASP A 92 -5.47 -13.25 -15.21
N GLY A 93 -4.61 -14.22 -14.87
CA GLY A 93 -3.73 -14.86 -15.86
C GLY A 93 -2.42 -14.13 -16.17
N SER A 94 -2.13 -13.05 -15.45
CA SER A 94 -0.93 -12.26 -15.70
CA SER A 94 -0.93 -12.25 -15.67
C SER A 94 0.30 -12.86 -15.01
N ILE A 95 0.08 -13.68 -13.98
CA ILE A 95 1.15 -14.32 -13.21
C ILE A 95 0.99 -15.83 -13.28
N PRO A 96 2.07 -16.55 -13.65
CA PRO A 96 1.92 -18.01 -13.71
C PRO A 96 1.61 -18.60 -12.33
N SER A 97 0.68 -19.55 -12.28
CA SER A 97 0.24 -20.14 -11.00
C SER A 97 1.36 -20.88 -10.26
N ASP A 98 2.39 -21.30 -10.99
CA ASP A 98 3.52 -21.98 -10.36
C ASP A 98 4.34 -21.08 -9.45
N ILE A 99 4.05 -19.77 -9.43
CA ILE A 99 4.62 -18.90 -8.40
C ILE A 99 4.37 -19.44 -6.99
N ARG A 100 3.26 -20.15 -6.80
CA ARG A 100 2.90 -20.75 -5.50
C ARG A 100 3.93 -21.70 -4.94
N TYR A 101 4.70 -22.33 -5.81
CA TYR A 101 5.62 -23.41 -5.43
C TYR A 101 7.08 -22.99 -5.50
N LEU A 102 7.34 -21.69 -5.71
CA LEU A 102 8.73 -21.22 -5.87
C LEU A 102 9.54 -21.32 -4.59
N ASP A 103 8.86 -21.29 -3.45
CA ASP A 103 9.53 -21.13 -2.17
C ASP A 103 8.57 -21.68 -1.13
N PRO A 104 9.06 -22.51 -0.18
CA PRO A 104 8.16 -23.12 0.78
C PRO A 104 7.56 -22.13 1.77
N ASN A 105 8.09 -20.91 1.80
CA ASN A 105 7.60 -19.87 2.68
C ASN A 105 6.62 -18.92 1.99
N PHE A 106 6.18 -19.24 0.78
CA PHE A 106 5.26 -18.39 0.04
C PHE A 106 3.81 -18.59 0.45
N SER A 107 3.11 -17.48 0.61
CA SER A 107 1.65 -17.48 0.70
C SER A 107 1.12 -16.34 -0.13
N LEU A 108 0.18 -16.64 -1.00
CA LEU A 108 -0.44 -15.62 -1.83
CA LEU A 108 -0.47 -15.64 -1.85
C LEU A 108 -1.83 -15.23 -1.28
N GLU A 110 -4.12 -12.80 0.98
CA GLU A 110 -4.06 -11.40 1.34
C GLU A 110 -3.60 -11.24 2.78
N GLY A 111 -2.75 -10.24 3.00
CA GLY A 111 -2.33 -9.89 4.34
C GLY A 111 -0.83 -9.63 4.51
N GLY A 112 -0.04 -9.81 3.44
CA GLY A 112 1.37 -9.46 3.42
C GLY A 112 1.61 -8.18 2.64
N ILE A 113 2.42 -7.29 3.18
CA ILE A 113 2.75 -6.02 2.55
C ILE A 113 4.25 -5.77 2.70
N PRO A 114 4.91 -5.32 1.62
CA PRO A 114 6.33 -4.99 1.75
C PRO A 114 6.53 -3.73 2.54
N ILE A 115 7.63 -3.67 3.29
CA ILE A 115 8.00 -2.49 4.04
C ILE A 115 9.12 -1.77 3.30
N ILE A 116 8.87 -0.51 2.96
CA ILE A 116 9.84 0.32 2.24
C ILE A 116 10.25 1.51 3.10
N LEU A 117 11.57 1.76 3.16
CA LEU A 117 12.09 2.97 3.78
C LEU A 117 12.99 3.65 2.77
N GLU A 118 12.70 4.94 2.52
CA GLU A 118 13.49 5.74 1.58
C GLU A 118 13.68 4.99 0.26
N ASN A 119 12.59 4.43 -0.24
CA ASN A 119 12.53 3.73 -1.50
C ASN A 119 13.21 2.37 -1.58
N VAL A 120 13.68 1.87 -0.44
CA VAL A 120 14.35 0.56 -0.38
C VAL A 120 13.44 -0.42 0.35
N VAL A 121 13.27 -1.62 -0.21
CA VAL A 121 12.53 -2.67 0.49
C VAL A 121 13.40 -3.19 1.64
N VAL A 122 12.89 -3.08 2.87
CA VAL A 122 13.64 -3.40 4.07
C VAL A 122 13.02 -4.55 4.87
N GLY A 123 11.89 -5.08 4.42
CA GLY A 123 11.23 -6.17 5.13
C GLY A 123 9.80 -6.34 4.69
N GLY A 124 9.03 -7.02 5.51
CA GLY A 124 7.65 -7.31 5.23
C GLY A 124 6.84 -7.44 6.49
N ILE A 125 5.54 -7.17 6.39
CA ILE A 125 4.59 -7.38 7.48
C ILE A 125 3.51 -8.31 6.97
N GLY A 126 3.04 -9.19 7.85
CA GLY A 126 1.98 -10.12 7.50
C GLY A 126 1.06 -10.33 8.68
N VAL A 127 -0.22 -10.52 8.37
CA VAL A 127 -1.23 -10.78 9.37
C VAL A 127 -2.06 -11.98 8.94
N GLY A 128 -2.39 -12.84 9.89
CA GLY A 128 -3.26 -13.97 9.66
C GLY A 128 -4.19 -14.17 10.84
N GLY A 129 -5.40 -14.65 10.54
CA GLY A 129 -6.40 -14.96 11.55
C GLY A 129 -7.75 -14.28 11.37
N ALA A 130 -7.81 -13.25 10.54
CA ALA A 130 -9.03 -12.48 10.32
C ALA A 130 -9.58 -12.64 8.92
N HIS A 131 -8.99 -13.55 8.14
CA HIS A 131 -9.31 -13.71 6.73
C HIS A 131 -8.83 -12.49 5.96
N GLY A 132 -8.81 -12.63 4.64
CA GLY A 132 -8.07 -11.75 3.78
C GLY A 132 -8.26 -10.26 3.97
N SER A 133 -9.50 -9.78 3.85
CA SER A 133 -9.75 -8.34 3.83
CA SER A 133 -9.74 -8.33 3.82
CA SER A 133 -9.75 -8.34 3.83
C SER A 133 -9.28 -7.68 5.13
N GLU A 134 -9.65 -8.27 6.25
CA GLU A 134 -9.26 -7.72 7.54
CA GLU A 134 -9.26 -7.71 7.55
C GLU A 134 -7.76 -7.89 7.80
N ASP A 135 -7.19 -9.01 7.35
CA ASP A 135 -5.74 -9.21 7.46
C ASP A 135 -5.02 -8.05 6.75
N GLY A 136 -5.48 -7.71 5.55
CA GLY A 136 -4.90 -6.62 4.78
C GLY A 136 -5.08 -5.28 5.46
N ARG A 137 -6.25 -5.04 6.02
CA ARG A 137 -6.52 -3.79 6.70
C ARG A 137 -5.60 -3.62 7.90
N LEU A 138 -5.45 -4.70 8.68
CA LEU A 138 -4.61 -4.67 9.85
C LEU A 138 -3.15 -4.49 9.46
N ALA A 139 -2.68 -5.20 8.43
CA ALA A 139 -1.29 -5.08 8.01
C ALA A 139 -0.97 -3.65 7.60
N ARG A 140 -1.92 -3.01 6.92
CA ARG A 140 -1.72 -1.63 6.47
C ARG A 140 -1.55 -0.67 7.65
N ILE A 141 -2.35 -0.88 8.70
CA ILE A 141 -2.25 -0.04 9.88
C ILE A 141 -0.84 -0.14 10.47
N GLY A 142 -0.29 -1.34 10.48
CA GLY A 142 1.09 -1.52 10.91
C GLY A 142 2.06 -0.75 10.05
N LEU A 143 1.92 -0.89 8.74
CA LEU A 143 2.82 -0.22 7.81
C LEU A 143 2.80 1.29 7.99
N LEU A 144 1.62 1.84 8.25
CA LEU A 144 1.48 3.29 8.31
C LEU A 144 2.20 3.94 9.48
N VAL A 145 2.61 3.15 10.47
CA VAL A 145 3.43 3.64 11.58
CA VAL A 145 3.39 3.72 11.57
C VAL A 145 4.74 4.25 11.07
N LEU A 146 5.21 3.77 9.91
CA LEU A 146 6.51 4.16 9.38
C LEU A 146 6.49 5.23 8.28
N GLN A 147 5.37 5.91 8.11
CA GLN A 147 5.28 6.99 7.11
C GLN A 147 6.40 7.99 7.29
N HIS A 148 6.98 8.42 6.18
CA HIS A 148 8.10 9.34 6.18
C HIS A 148 8.16 10.14 4.88
N THR B 8 -14.97 -42.64 30.68
CA THR B 8 -13.51 -42.45 30.44
C THR B 8 -13.14 -40.95 30.42
N ALA B 9 -14.00 -40.13 29.84
CA ALA B 9 -13.67 -38.72 29.55
C ALA B 9 -13.46 -37.84 30.78
N GLY B 10 -14.22 -38.07 31.85
CA GLY B 10 -14.09 -37.25 33.06
C GLY B 10 -14.72 -35.87 32.91
N ALA B 11 -14.40 -34.98 33.83
CA ALA B 11 -15.00 -33.66 33.90
C ALA B 11 -14.25 -32.62 33.07
N ILE B 12 -14.93 -31.51 32.78
CA ILE B 12 -14.29 -30.36 32.15
C ILE B 12 -13.37 -29.72 33.18
N VAL B 13 -12.14 -29.50 32.76
CA VAL B 13 -11.10 -28.91 33.56
C VAL B 13 -10.82 -27.53 32.98
N ARG B 14 -10.80 -26.52 33.85
CA ARG B 14 -10.49 -25.16 33.46
CA ARG B 14 -10.50 -25.14 33.48
C ARG B 14 -9.17 -24.75 34.09
N GLU B 15 -8.33 -24.07 33.31
CA GLU B 15 -7.01 -23.64 33.77
C GLU B 15 -6.73 -22.24 33.25
N PRO B 16 -5.78 -21.54 33.87
CA PRO B 16 -5.35 -20.27 33.34
C PRO B 16 -4.84 -20.39 31.91
N VAL B 17 -4.94 -19.28 31.18
CA VAL B 17 -4.43 -19.13 29.82
CA VAL B 17 -4.36 -19.18 29.85
C VAL B 17 -3.55 -17.89 29.79
N LEU B 18 -2.33 -18.02 29.28
CA LEU B 18 -1.48 -16.85 29.09
C LEU B 18 -2.04 -16.07 27.90
N THR B 19 -2.41 -14.83 28.14
CA THR B 19 -3.08 -14.06 27.11
C THR B 19 -2.05 -13.44 26.15
N GLY B 20 -2.52 -13.05 24.97
CA GLY B 20 -1.66 -12.33 24.04
C GLY B 20 -1.15 -11.06 24.67
N GLU B 21 -2.00 -10.36 25.42
CA GLU B 21 -1.61 -9.13 26.10
C GLU B 21 -0.49 -9.37 27.10
N GLN B 22 -0.59 -10.47 27.85
CA GLN B 22 0.47 -10.81 28.80
C GLN B 22 1.78 -11.12 28.08
N ALA B 23 1.72 -11.93 27.02
CA ALA B 23 2.92 -12.27 26.28
C ALA B 23 3.56 -11.01 25.69
N GLN B 24 2.71 -10.10 25.18
CA GLN B 24 3.19 -8.86 24.60
C GLN B 24 3.87 -8.00 25.66
N ALA B 25 3.24 -7.86 26.82
CA ALA B 25 3.82 -7.08 27.90
C ALA B 25 5.18 -7.65 28.32
N VAL B 27 7.39 -9.43 26.47
CA VAL B 27 8.46 -9.13 25.50
C VAL B 27 8.83 -7.64 25.49
N GLU B 28 7.83 -6.78 25.65
CA GLU B 28 8.10 -5.34 25.70
C GLU B 28 9.01 -4.97 26.86
N VAL B 29 8.73 -5.49 28.05
CA VAL B 29 9.55 -5.12 29.21
CA VAL B 29 9.55 -5.16 29.22
C VAL B 29 10.96 -5.71 29.09
N VAL B 30 11.07 -6.91 28.53
CA VAL B 30 12.39 -7.51 28.35
C VAL B 30 13.22 -6.69 27.37
N HIS B 32 12.94 -3.51 26.62
CA HIS B 32 13.31 -2.25 27.26
C HIS B 32 14.52 -2.45 28.18
N GLU B 33 14.46 -3.48 29.02
CA GLU B 33 15.57 -3.76 29.92
C GLU B 33 16.84 -4.13 29.15
N ALA B 34 16.71 -4.89 28.07
CA ALA B 34 17.88 -5.27 27.30
C ALA B 34 18.57 -4.04 26.73
N ARG B 35 17.81 -3.13 26.14
CA ARG B 35 18.37 -1.90 25.59
CA ARG B 35 18.39 -1.91 25.58
C ARG B 35 19.02 -1.04 26.68
N GLU B 36 18.35 -0.91 27.83
CA GLU B 36 18.94 -0.14 28.95
C GLU B 36 20.21 -0.79 29.50
N SER B 37 20.33 -2.11 29.35
CA SER B 37 21.44 -2.87 29.91
C SER B 37 22.62 -3.04 28.97
N GLY B 38 22.43 -2.74 27.68
CA GLY B 38 23.48 -2.91 26.67
C GLY B 38 23.50 -4.25 25.95
N HIS B 39 22.37 -4.93 25.89
CA HIS B 39 22.26 -6.22 25.20
C HIS B 39 21.42 -6.12 23.95
N ALA B 40 21.83 -6.87 22.92
CA ALA B 40 21.07 -7.05 21.68
C ALA B 40 20.55 -8.48 21.71
N VAL B 41 19.24 -8.63 21.89
CA VAL B 41 18.67 -9.95 22.14
C VAL B 41 17.45 -10.22 21.26
N THR B 42 17.04 -11.49 21.28
CA THR B 42 15.69 -11.87 20.96
C THR B 42 15.08 -12.42 22.23
N VAL B 43 13.83 -12.04 22.48
CA VAL B 43 13.01 -12.65 23.52
C VAL B 43 11.83 -13.34 22.84
N THR B 44 11.56 -14.57 23.25
CA THR B 44 10.44 -15.35 22.74
C THR B 44 9.61 -15.87 23.89
N VAL B 45 8.28 -15.76 23.75
CA VAL B 45 7.33 -16.37 24.66
C VAL B 45 6.54 -17.40 23.88
N VAL B 46 6.42 -18.60 24.45
CA VAL B 46 5.63 -19.68 23.89
C VAL B 46 4.49 -20.05 24.84
N ASP B 47 3.44 -20.61 24.26
CA ASP B 47 2.32 -21.16 25.02
C ASP B 47 2.74 -22.50 25.63
N ARG B 48 1.81 -23.16 26.32
CA ARG B 48 2.22 -24.33 27.11
C ARG B 48 2.51 -25.54 26.26
N SER B 49 2.12 -25.49 24.98
CA SER B 49 2.43 -26.53 24.02
C SER B 49 3.62 -26.16 23.15
N GLY B 50 4.35 -25.13 23.54
CA GLY B 50 5.58 -24.74 22.87
C GLY B 50 5.43 -23.91 21.62
N GLN B 51 4.24 -23.38 21.38
CA GLN B 51 3.97 -22.60 20.17
CA GLN B 51 4.01 -22.61 20.17
C GLN B 51 4.05 -21.11 20.46
N ILE B 52 4.75 -20.38 19.62
CA ILE B 52 5.03 -18.98 19.85
C ILE B 52 3.76 -18.15 20.09
N LEU B 53 3.84 -17.29 21.11
CA LEU B 53 2.90 -16.20 21.34
C LEU B 53 3.51 -14.82 21.02
N ALA B 54 4.81 -14.64 21.27
CA ALA B 54 5.43 -13.34 21.05
C ALA B 54 6.92 -13.51 20.81
N VAL B 55 7.45 -12.69 19.91
CA VAL B 55 8.88 -12.59 19.63
C VAL B 55 9.21 -11.11 19.41
N LEU B 56 10.27 -10.64 20.03
CA LEU B 56 10.89 -9.39 19.61
C LEU B 56 12.38 -9.61 19.49
N ARG B 57 12.95 -9.16 18.37
CA ARG B 57 14.37 -9.23 18.10
C ARG B 57 14.92 -7.84 17.80
N ASP B 58 16.06 -7.54 18.41
CA ASP B 58 16.86 -6.36 18.10
CA ASP B 58 16.81 -6.35 18.09
C ASP B 58 17.49 -6.54 16.72
N HIS B 59 17.49 -5.52 15.88
CA HIS B 59 18.08 -5.68 14.55
C HIS B 59 19.59 -5.90 14.59
N HIS B 60 20.23 -5.66 15.73
CA HIS B 60 21.64 -6.03 15.88
C HIS B 60 21.86 -7.36 16.61
N ALA B 61 20.79 -8.08 16.89
CA ALA B 61 20.90 -9.44 17.40
C ALA B 61 20.97 -10.41 16.22
N GLY B 62 21.95 -11.30 16.26
CA GLY B 62 22.08 -12.31 15.22
C GLY B 62 20.83 -13.15 15.05
N VAL B 63 20.55 -13.61 13.85
CA VAL B 63 19.37 -14.44 13.64
C VAL B 63 19.38 -15.72 14.46
N HIS B 64 20.55 -16.20 14.89
CA HIS B 64 20.57 -17.40 15.73
C HIS B 64 19.80 -17.18 17.02
N THR B 65 19.68 -15.94 17.46
CA THR B 65 18.98 -15.68 18.70
C THR B 65 17.47 -15.96 18.60
N LEU B 66 16.93 -16.01 17.39
CA LEU B 66 15.56 -16.46 17.17
C LEU B 66 15.43 -17.91 17.61
N ASN B 67 16.35 -18.74 17.12
CA ASN B 67 16.37 -20.16 17.50
C ASN B 67 16.72 -20.35 18.96
N ALA B 68 17.69 -19.61 19.45
CA ALA B 68 18.14 -19.78 20.81
C ALA B 68 17.02 -19.47 21.80
N SER B 69 16.36 -18.34 21.59
CA SER B 69 15.31 -17.92 22.50
C SER B 69 14.11 -18.83 22.41
N TYR B 70 13.74 -19.26 21.19
CA TYR B 70 12.63 -20.18 21.04
C TYR B 70 12.92 -21.50 21.75
N LYS B 71 14.09 -22.07 21.49
CA LYS B 71 14.43 -23.35 22.07
C LYS B 71 14.40 -23.28 23.60
N LYS B 72 14.95 -22.22 24.17
CA LYS B 72 14.95 -22.09 25.61
C LYS B 72 13.52 -21.97 26.15
N ALA B 73 12.68 -21.17 25.49
CA ALA B 73 11.29 -21.01 25.91
C ALA B 73 10.53 -22.33 25.83
N TYR B 74 10.71 -23.04 24.72
CA TYR B 74 10.09 -24.34 24.53
C TYR B 74 10.51 -25.33 25.60
N THR B 75 11.81 -25.36 25.84
CA THR B 75 12.38 -26.33 26.78
C THR B 75 11.84 -26.07 28.18
N ALA B 76 11.82 -24.81 28.59
CA ALA B 76 11.35 -24.45 29.93
C ALA B 76 9.87 -24.77 30.06
N ALA B 77 9.07 -24.50 29.02
CA ALA B 77 7.64 -24.78 29.09
C ALA B 77 7.39 -26.27 29.23
N SER B 78 8.12 -27.07 28.46
CA SER B 78 7.85 -28.50 28.38
C SER B 78 8.42 -29.26 29.58
N GLN B 79 9.61 -28.87 30.00
CA GLN B 79 10.28 -29.48 31.15
CA GLN B 79 10.26 -29.50 31.15
C GLN B 79 9.77 -28.93 32.48
N LYS B 80 9.10 -27.78 32.45
CA LYS B 80 8.57 -27.12 33.65
C LYS B 80 9.67 -26.71 34.63
N ARG B 81 10.86 -26.46 34.08
CA ARG B 81 12.05 -26.08 34.84
CA ARG B 81 11.94 -25.93 34.89
C ARG B 81 12.83 -25.02 34.09
N GLU B 82 13.61 -24.23 34.80
CA GLU B 82 14.51 -23.30 34.15
C GLU B 82 15.60 -24.07 33.41
N THR B 83 15.97 -23.61 32.21
CA THR B 83 16.98 -24.30 31.44
C THR B 83 18.33 -24.31 32.17
N VAL B 84 18.61 -23.25 32.94
CA VAL B 84 19.85 -23.22 33.73
C VAL B 84 19.90 -24.35 34.75
N ALA B 85 18.76 -24.72 35.30
CA ALA B 85 18.68 -25.84 36.26
C ALA B 85 18.98 -27.19 35.59
N ILE B 86 18.56 -27.32 34.34
CA ILE B 86 18.84 -28.54 33.57
C ILE B 86 20.33 -28.61 33.24
N ALA B 87 20.89 -27.48 32.82
CA ALA B 87 22.32 -27.39 32.54
C ALA B 87 23.14 -27.83 33.75
N ARG B 88 22.74 -27.35 34.93
CA ARG B 88 23.46 -27.70 36.14
CA ARG B 88 23.39 -27.70 36.20
C ARG B 88 23.30 -29.19 36.48
N GLY B 89 22.13 -29.76 36.21
CA GLY B 89 21.89 -31.18 36.43
C GLY B 89 22.70 -32.10 35.52
N ILE B 90 22.92 -31.66 34.28
CA ILE B 90 23.77 -32.40 33.36
C ILE B 90 25.22 -32.39 33.88
N ARG B 91 25.67 -31.20 34.29
CA ARG B 91 27.04 -31.02 34.80
C ARG B 91 27.29 -31.83 36.07
N ASP B 92 26.31 -31.87 36.98
CA ASP B 92 26.48 -32.61 38.23
C ASP B 92 26.08 -34.09 38.15
N GLY B 93 25.70 -34.55 36.96
CA GLY B 93 25.43 -35.96 36.70
C GLY B 93 24.06 -36.50 37.09
N SER B 94 23.19 -35.61 37.58
CA SER B 94 21.83 -36.01 37.98
C SER B 94 20.88 -36.12 36.79
N ILE B 95 21.28 -35.57 35.64
CA ILE B 95 20.50 -35.62 34.41
C ILE B 95 21.37 -36.20 33.30
N PRO B 96 20.92 -37.28 32.63
CA PRO B 96 21.76 -37.81 31.55
C PRO B 96 21.94 -36.81 30.40
N SER B 97 23.14 -36.78 29.82
CA SER B 97 23.47 -35.83 28.76
C SER B 97 22.64 -36.06 27.49
N ASP B 98 22.11 -37.26 27.30
CA ASP B 98 21.31 -37.57 26.12
C ASP B 98 19.99 -36.80 26.10
N ILE B 99 19.65 -36.13 27.20
CA ILE B 99 18.50 -35.21 27.18
C ILE B 99 18.65 -34.21 26.03
N ARG B 100 19.88 -33.87 25.65
CA ARG B 100 20.16 -32.97 24.53
C ARG B 100 19.50 -33.38 23.23
N TYR B 101 19.29 -34.69 23.02
CA TYR B 101 18.82 -35.22 21.75
C TYR B 101 17.36 -35.69 21.77
N LEU B 102 16.66 -35.46 22.87
CA LEU B 102 15.29 -35.94 23.03
C LEU B 102 14.28 -35.23 22.14
N ASP B 103 14.59 -33.98 21.80
CA ASP B 103 13.66 -33.13 21.10
C ASP B 103 14.49 -32.12 20.33
N PRO B 104 14.20 -31.91 19.03
CA PRO B 104 15.01 -30.99 18.24
C PRO B 104 14.88 -29.52 18.65
N ASN B 105 13.93 -29.20 19.52
CA ASN B 105 13.72 -27.85 20.00
C ASN B 105 14.35 -27.60 21.38
N PHE B 106 15.10 -28.57 21.88
CA PHE B 106 15.73 -28.42 23.19
C PHE B 106 16.99 -27.58 23.14
N SER B 107 17.11 -26.68 24.11
CA SER B 107 18.39 -26.06 24.42
C SER B 107 18.53 -26.05 25.91
N LEU B 108 19.65 -26.62 26.37
CA LEU B 108 19.92 -26.69 27.80
C LEU B 108 20.90 -25.59 28.20
N GLU B 110 21.31 -21.59 29.64
CA GLU B 110 20.61 -20.66 30.50
C GLU B 110 19.83 -19.63 29.70
N GLY B 111 18.61 -19.36 30.15
CA GLY B 111 17.81 -18.28 29.59
C GLY B 111 16.38 -18.60 29.30
N GLY B 112 15.94 -19.83 29.58
CA GLY B 112 14.55 -20.20 29.49
C GLY B 112 13.96 -20.42 30.88
N ILE B 113 12.76 -19.92 31.08
CA ILE B 113 12.07 -20.01 32.36
C ILE B 113 10.60 -20.35 32.11
N PRO B 114 10.02 -21.28 32.90
CA PRO B 114 8.61 -21.57 32.72
C PRO B 114 7.75 -20.39 33.19
N ILE B 115 6.61 -20.20 32.55
CA ILE B 115 5.65 -19.18 32.94
C ILE B 115 4.52 -19.87 33.68
N ILE B 116 4.26 -19.41 34.90
CA ILE B 116 3.28 -20.05 35.77
C ILE B 116 2.22 -19.05 36.19
N LEU B 117 0.97 -19.43 36.02
CA LEU B 117 -0.17 -18.64 36.50
C LEU B 117 -1.04 -19.58 37.33
N GLU B 118 -1.41 -19.15 38.54
CA GLU B 118 -2.25 -19.95 39.44
C GLU B 118 -1.77 -21.41 39.49
N ASN B 119 -0.45 -21.58 39.65
CA ASN B 119 0.18 -22.89 39.81
C ASN B 119 0.16 -23.83 38.60
N VAL B 120 -0.16 -23.29 37.43
CA VAL B 120 -0.20 -24.06 36.21
C VAL B 120 0.85 -23.48 35.25
N VAL B 121 1.65 -24.36 34.65
CA VAL B 121 2.57 -23.93 33.60
C VAL B 121 1.76 -23.58 32.36
N VAL B 122 1.81 -22.32 31.97
CA VAL B 122 1.01 -21.81 30.86
C VAL B 122 1.87 -21.44 29.64
N GLY B 123 3.18 -21.58 29.77
CA GLY B 123 4.08 -21.22 28.69
C GLY B 123 5.52 -21.18 29.15
N GLY B 124 6.36 -20.57 28.34
CA GLY B 124 7.77 -20.41 28.64
C GLY B 124 8.27 -19.12 28.02
N ILE B 125 9.30 -18.55 28.63
CA ILE B 125 9.99 -17.39 28.08
C ILE B 125 11.46 -17.74 27.90
N GLY B 126 12.05 -17.31 26.79
CA GLY B 126 13.46 -17.53 26.50
C GLY B 126 14.09 -16.28 25.95
N VAL B 127 15.35 -16.09 26.28
CA VAL B 127 16.13 -14.97 25.81
C VAL B 127 17.46 -15.48 25.29
N GLY B 128 17.86 -14.95 24.14
CA GLY B 128 19.19 -15.21 23.60
C GLY B 128 19.85 -13.94 23.11
N GLY B 129 21.18 -13.90 23.23
CA GLY B 129 21.98 -12.78 22.76
C GLY B 129 22.75 -12.04 23.83
N ALA B 130 22.40 -12.27 25.09
CA ALA B 130 23.05 -11.58 26.22
C ALA B 130 24.12 -12.42 26.93
N HIS B 131 24.35 -13.63 26.45
N HIS B 131 24.39 -13.61 26.41
CA HIS B 131 25.37 -14.53 27.00
CA HIS B 131 25.62 -14.36 26.75
C HIS B 131 25.08 -14.92 28.46
C HIS B 131 25.69 -14.90 28.18
N GLY B 132 24.91 -16.22 28.69
N GLY B 132 24.65 -15.61 28.61
CA GLY B 132 24.76 -16.76 30.03
CA GLY B 132 24.72 -16.39 29.84
C GLY B 132 23.78 -16.05 30.96
C GLY B 132 23.76 -15.97 30.94
N SER B 133 24.31 -15.54 32.08
CA SER B 133 23.49 -15.15 33.22
C SER B 133 22.54 -13.99 32.89
N GLU B 134 22.94 -13.14 31.96
CA GLU B 134 22.08 -12.03 31.56
C GLU B 134 20.85 -12.48 30.79
N ASP B 135 20.94 -13.58 30.03
CA ASP B 135 19.74 -14.14 29.37
C ASP B 135 18.73 -14.52 30.45
N GLY B 136 19.20 -15.18 31.52
CA GLY B 136 18.33 -15.54 32.64
C GLY B 136 17.76 -14.33 33.37
N ARG B 137 18.59 -13.33 33.62
CA ARG B 137 18.10 -12.14 34.29
C ARG B 137 17.03 -11.45 33.47
N LEU B 138 17.26 -11.34 32.16
CA LEU B 138 16.28 -10.73 31.27
C LEU B 138 14.97 -11.52 31.24
N ALA B 139 15.07 -12.85 31.14
CA ALA B 139 13.87 -13.69 31.14
C ALA B 139 13.06 -13.47 32.42
N ARG B 140 13.74 -13.35 33.55
CA ARG B 140 13.08 -13.12 34.84
CA ARG B 140 13.07 -13.14 34.83
C ARG B 140 12.33 -11.79 34.89
N ILE B 141 12.89 -10.77 34.23
CA ILE B 141 12.25 -9.46 34.11
C ILE B 141 10.88 -9.61 33.46
N GLY B 142 10.79 -10.44 32.43
CA GLY B 142 9.51 -10.71 31.79
C GLY B 142 8.46 -11.27 32.74
N LEU B 143 8.86 -12.17 33.62
CA LEU B 143 7.92 -12.75 34.59
C LEU B 143 7.34 -11.71 35.53
N LEU B 144 8.11 -10.67 35.83
CA LEU B 144 7.68 -9.64 36.79
C LEU B 144 6.41 -8.91 36.37
N VAL B 145 6.16 -8.80 35.06
CA VAL B 145 5.00 -8.07 34.56
C VAL B 145 3.68 -8.76 34.87
N LEU B 146 3.75 -10.07 35.18
CA LEU B 146 2.58 -10.84 35.53
C LEU B 146 2.16 -10.67 37.00
N GLN B 147 3.07 -10.11 37.81
CA GLN B 147 2.84 -9.97 39.26
C GLN B 147 2.08 -8.68 39.59
N LEU C 4 16.66 -5.57 -35.67
CA LEU C 4 17.32 -6.54 -36.60
C LEU C 4 18.59 -5.94 -37.20
N GLU C 5 19.52 -6.82 -37.59
CA GLU C 5 20.74 -6.41 -38.28
C GLU C 5 20.38 -5.85 -39.66
N ASN C 6 20.91 -4.66 -39.97
CA ASN C 6 20.67 -3.97 -41.25
C ASN C 6 19.19 -3.66 -41.55
N GLU C 7 18.39 -3.52 -40.50
CA GLU C 7 16.98 -3.11 -40.63
C GLU C 7 16.91 -1.69 -41.20
N THR C 8 15.98 -1.47 -42.14
CA THR C 8 15.82 -0.17 -42.78
C THR C 8 15.20 0.86 -41.83
N ALA C 9 15.42 2.14 -42.15
CA ALA C 9 14.80 3.24 -41.40
C ALA C 9 13.29 3.24 -41.65
N GLY C 10 12.90 2.85 -42.86
CA GLY C 10 11.48 2.77 -43.23
C GLY C 10 10.72 1.61 -42.58
N ALA C 11 11.46 0.67 -42.00
CA ALA C 11 10.88 -0.47 -41.30
C ALA C 11 10.01 0.01 -40.13
N ILE C 12 8.80 -0.54 -40.01
N ILE C 12 8.77 -0.50 -40.13
CA ILE C 12 7.88 -0.11 -38.96
CA ILE C 12 7.81 -0.19 -39.08
C ILE C 12 8.20 -0.77 -37.60
C ILE C 12 8.33 -0.79 -37.77
N VAL C 13 8.54 0.04 -36.59
N VAL C 13 8.09 -0.06 -36.69
CA VAL C 13 8.71 -0.41 -35.20
CA VAL C 13 8.53 -0.46 -35.37
C VAL C 13 7.33 -0.53 -34.55
C VAL C 13 7.31 -0.49 -34.50
N ARG C 14 7.13 -1.56 -33.74
CA ARG C 14 5.92 -1.74 -32.96
CA ARG C 14 5.92 -1.76 -32.95
C ARG C 14 6.30 -1.93 -31.50
N GLU C 15 5.60 -1.22 -30.62
CA GLU C 15 5.90 -1.28 -29.18
C GLU C 15 4.61 -1.26 -28.38
N PRO C 16 4.66 -1.73 -27.12
CA PRO C 16 3.51 -1.59 -26.24
C PRO C 16 3.03 -0.17 -26.16
N VAL C 17 1.72 0.00 -26.01
CA VAL C 17 1.12 1.29 -25.73
C VAL C 17 0.27 1.15 -24.49
N LEU C 18 0.39 2.11 -23.57
CA LEU C 18 -0.43 2.13 -22.38
C LEU C 18 -1.87 2.46 -22.76
N THR C 19 -2.80 1.57 -22.46
CA THR C 19 -4.18 1.77 -22.91
C THR C 19 -4.97 2.63 -21.93
N GLY C 20 -6.09 3.17 -22.40
CA GLY C 20 -6.97 3.92 -21.53
C GLY C 20 -7.48 3.04 -20.39
N GLU C 21 -7.78 1.79 -20.70
CA GLU C 21 -8.30 0.84 -19.73
CA GLU C 21 -8.31 0.87 -19.69
C GLU C 21 -7.26 0.58 -18.63
N GLN C 22 -6.00 0.45 -19.05
CA GLN C 22 -4.91 0.25 -18.11
C GLN C 22 -4.76 1.47 -17.20
N ALA C 23 -4.71 2.67 -17.79
CA ALA C 23 -4.60 3.88 -16.98
C ALA C 23 -5.76 4.03 -16.01
N GLN C 24 -6.97 3.73 -16.47
CA GLN C 24 -8.16 3.78 -15.63
C GLN C 24 -8.05 2.82 -14.45
N ALA C 25 -7.64 1.59 -14.71
CA ALA C 25 -7.47 0.60 -13.66
C ALA C 25 -6.44 1.07 -12.64
N VAL C 27 -5.56 4.24 -11.80
CA VAL C 27 -6.06 5.29 -10.91
C VAL C 27 -7.12 4.76 -9.95
N GLU C 28 -7.96 3.83 -10.42
CA GLU C 28 -8.98 3.24 -9.56
CA GLU C 28 -8.98 3.19 -9.58
C GLU C 28 -8.36 2.51 -8.38
N VAL C 29 -7.35 1.69 -8.62
CA VAL C 29 -6.76 0.93 -7.52
CA VAL C 29 -6.72 0.92 -7.54
C VAL C 29 -6.00 1.85 -6.58
N VAL C 30 -5.37 2.90 -7.13
CA VAL C 30 -4.67 3.83 -6.26
C VAL C 30 -5.65 4.58 -5.35
N HIS C 32 -8.63 3.68 -4.35
CA HIS C 32 -9.18 2.77 -3.36
C HIS C 32 -8.19 2.64 -2.20
N GLU C 33 -6.92 2.41 -2.52
CA GLU C 33 -5.92 2.27 -1.47
C GLU C 33 -5.76 3.57 -0.67
N ALA C 34 -5.77 4.71 -1.35
CA ALA C 34 -5.66 5.99 -0.68
C ALA C 34 -6.79 6.19 0.32
N ARG C 35 -8.02 5.86 -0.08
CA ARG C 35 -9.20 5.99 0.80
CA ARG C 35 -9.16 6.04 0.83
C ARG C 35 -9.06 5.07 2.01
N GLU C 36 -8.68 3.82 1.75
CA GLU C 36 -8.48 2.86 2.84
C GLU C 36 -7.34 3.28 3.79
N SER C 37 -6.40 4.06 3.27
CA SER C 37 -5.26 4.53 4.04
C SER C 37 -5.50 5.87 4.73
N GLY C 38 -6.67 6.48 4.50
CA GLY C 38 -7.00 7.75 5.11
C GLY C 38 -6.35 8.99 4.48
N HIS C 39 -5.89 8.87 3.24
CA HIS C 39 -5.25 9.98 2.54
C HIS C 39 -6.19 10.68 1.58
N ALA C 40 -5.90 11.95 1.32
CA ALA C 40 -6.59 12.76 0.31
C ALA C 40 -5.56 13.11 -0.75
N VAL C 41 -5.64 12.44 -1.89
CA VAL C 41 -4.61 12.58 -2.92
C VAL C 41 -5.19 12.85 -4.29
N THR C 42 -4.30 13.21 -5.20
CA THR C 42 -4.53 13.07 -6.64
C THR C 42 -3.54 12.05 -7.18
N VAL C 43 -4.04 11.18 -8.05
CA VAL C 43 -3.19 10.31 -8.84
C VAL C 43 -3.38 10.69 -10.31
N THR C 44 -2.26 10.77 -11.02
CA THR C 44 -2.25 11.05 -12.44
C THR C 44 -1.41 10.03 -13.17
N VAL C 45 -1.93 9.56 -14.30
CA VAL C 45 -1.19 8.69 -15.21
C VAL C 45 -1.05 9.43 -16.53
N VAL C 46 0.17 9.46 -17.05
CA VAL C 46 0.47 10.06 -18.34
C VAL C 46 0.98 9.03 -19.32
N ASP C 47 0.80 9.35 -20.60
CA ASP C 47 1.26 8.51 -21.70
C ASP C 47 2.77 8.70 -21.89
N ARG C 48 3.30 8.05 -22.91
CA ARG C 48 4.73 8.03 -23.22
CA ARG C 48 4.77 8.05 -23.02
C ARG C 48 5.32 9.41 -23.38
N SER C 49 4.49 10.31 -23.90
CA SER C 49 4.89 11.67 -24.22
C SER C 49 4.44 12.67 -23.18
N GLY C 50 4.10 12.18 -21.99
CA GLY C 50 3.78 13.07 -20.89
C GLY C 50 2.39 13.65 -20.89
N GLN C 51 1.50 13.15 -21.74
CA GLN C 51 0.13 13.68 -21.83
CA GLN C 51 0.14 13.70 -21.82
C GLN C 51 -0.84 12.81 -21.03
N ILE C 52 -1.69 13.46 -20.26
CA ILE C 52 -2.59 12.78 -19.35
C ILE C 52 -3.44 11.72 -20.02
N LEU C 53 -3.49 10.55 -19.37
CA LEU C 53 -4.49 9.53 -19.64
C LEU C 53 -5.57 9.41 -18.57
N ALA C 54 -5.20 9.64 -17.31
CA ALA C 54 -6.16 9.51 -16.22
C ALA C 54 -5.76 10.37 -15.04
N VAL C 55 -6.75 10.96 -14.40
CA VAL C 55 -6.58 11.72 -13.16
C VAL C 55 -7.75 11.39 -12.25
N LEU C 56 -7.49 11.13 -10.98
CA LEU C 56 -8.54 11.16 -9.96
C LEU C 56 -8.03 11.95 -8.77
N ARG C 57 -8.87 12.87 -8.28
CA ARG C 57 -8.57 13.67 -7.11
C ARG C 57 -9.68 13.52 -6.07
N ASP C 58 -9.28 13.43 -4.82
CA ASP C 58 -10.20 13.43 -3.68
C ASP C 58 -10.68 14.87 -3.45
N HIS C 59 -11.93 15.02 -3.03
CA HIS C 59 -12.50 16.36 -2.81
C HIS C 59 -11.86 17.11 -1.64
N HIS C 60 -11.10 16.42 -0.79
CA HIS C 60 -10.33 17.06 0.26
C HIS C 60 -8.86 17.20 -0.09
N ALA C 61 -8.46 16.81 -1.29
CA ALA C 61 -7.08 17.02 -1.74
C ALA C 61 -6.94 18.43 -2.29
N GLY C 62 -5.91 19.13 -1.87
CA GLY C 62 -5.64 20.49 -2.34
C GLY C 62 -5.43 20.48 -3.84
N VAL C 63 -5.79 21.57 -4.52
CA VAL C 63 -5.64 21.60 -5.97
C VAL C 63 -4.19 21.49 -6.41
N HIS C 64 -3.23 21.83 -5.55
CA HIS C 64 -1.85 21.67 -5.94
C HIS C 64 -1.51 20.23 -6.26
N THR C 65 -2.29 19.28 -5.73
CA THR C 65 -1.98 17.89 -5.95
C THR C 65 -2.22 17.49 -7.42
N LEU C 66 -3.02 18.26 -8.14
CA LEU C 66 -3.15 18.09 -9.59
C LEU C 66 -1.80 18.33 -10.27
N ASN C 67 -1.17 19.45 -9.96
CA ASN C 67 0.16 19.77 -10.45
CA ASN C 67 0.14 19.75 -10.50
C ASN C 67 1.20 18.78 -9.96
N ALA C 68 1.18 18.50 -8.67
CA ALA C 68 2.18 17.63 -8.07
C ALA C 68 2.18 16.26 -8.74
N SER C 69 1.00 15.66 -8.87
CA SER C 69 0.91 14.32 -9.43
C SER C 69 1.25 14.31 -10.91
N TYR C 70 0.79 15.32 -11.65
CA TYR C 70 1.14 15.41 -13.07
C TYR C 70 2.64 15.55 -13.25
N LYS C 71 3.24 16.48 -12.53
CA LYS C 71 4.66 16.72 -12.70
C LYS C 71 5.46 15.47 -12.38
N LYS C 72 5.11 14.78 -11.31
CA LYS C 72 5.83 13.56 -10.95
C LYS C 72 5.69 12.51 -12.05
N ALA C 73 4.47 12.33 -12.56
CA ALA C 73 4.23 11.35 -13.61
C ALA C 73 5.02 11.68 -14.88
N TYR C 74 4.95 12.96 -15.27
CA TYR C 74 5.68 13.46 -16.43
C TYR C 74 7.18 13.25 -16.30
N THR C 75 7.70 13.60 -15.13
CA THR C 75 9.13 13.52 -14.88
C THR C 75 9.60 12.08 -14.94
N ALA C 76 8.88 11.18 -14.29
CA ALA C 76 9.24 9.78 -14.30
C ALA C 76 9.17 9.18 -15.71
N ALA C 77 8.13 9.52 -16.46
CA ALA C 77 7.98 9.02 -17.82
C ALA C 77 9.14 9.46 -18.70
N SER C 78 9.55 10.72 -18.56
CA SER C 78 10.53 11.32 -19.45
C SER C 78 11.95 10.94 -19.06
N GLN C 79 12.23 10.93 -17.77
CA GLN C 79 13.55 10.58 -17.24
CA GLN C 79 13.56 10.59 -17.27
C GLN C 79 13.76 9.07 -17.17
N LYS C 80 12.68 8.32 -17.24
CA LYS C 80 12.73 6.85 -17.11
C LYS C 80 13.31 6.41 -15.76
N ARG C 81 13.05 7.20 -14.74
CA ARG C 81 13.51 6.91 -13.41
CA ARG C 81 13.54 6.97 -13.40
C ARG C 81 12.49 7.44 -12.42
N GLU C 82 12.49 6.86 -11.24
CA GLU C 82 11.60 7.31 -10.17
CA GLU C 82 11.60 7.31 -10.17
C GLU C 82 12.07 8.68 -9.68
N THR C 83 11.11 9.57 -9.41
CA THR C 83 11.45 10.91 -8.99
C THR C 83 12.26 10.91 -7.68
N VAL C 84 11.94 10.00 -6.76
CA VAL C 84 12.69 9.90 -5.49
C VAL C 84 14.16 9.57 -5.72
N ALA C 85 14.43 8.77 -6.76
CA ALA C 85 15.81 8.40 -7.09
C ALA C 85 16.59 9.58 -7.68
N ILE C 86 15.92 10.41 -8.45
CA ILE C 86 16.55 11.61 -9.01
C ILE C 86 16.87 12.56 -7.85
N ALA C 87 15.94 12.73 -6.93
CA ALA C 87 16.18 13.54 -5.74
C ALA C 87 17.41 13.07 -4.96
N ARG C 88 17.52 11.76 -4.78
CA ARG C 88 18.65 11.17 -4.07
CA ARG C 88 18.65 11.19 -4.06
C ARG C 88 19.96 11.48 -4.79
N GLY C 89 19.93 11.43 -6.10
CA GLY C 89 21.10 11.71 -6.93
C GLY C 89 21.53 13.17 -6.83
N ILE C 90 20.59 14.10 -6.67
CA ILE C 90 20.95 15.50 -6.46
C ILE C 90 21.65 15.62 -5.11
N ARG C 91 21.07 14.97 -4.10
CA ARG C 91 21.59 15.07 -2.74
CA ARG C 91 21.58 15.03 -2.72
C ARG C 91 22.99 14.46 -2.61
N ASP C 92 23.24 13.36 -3.32
CA ASP C 92 24.56 12.71 -3.22
C ASP C 92 25.60 13.27 -4.20
N GLY C 93 25.19 14.26 -5.01
CA GLY C 93 26.09 14.98 -5.91
C GLY C 93 26.32 14.32 -7.26
N SER C 94 25.61 13.23 -7.53
CA SER C 94 25.74 12.50 -8.79
C SER C 94 24.91 13.12 -9.92
N ILE C 95 23.92 13.94 -9.56
CA ILE C 95 23.07 14.62 -10.54
C ILE C 95 23.10 16.12 -10.26
N PRO C 96 23.40 16.94 -11.29
CA PRO C 96 23.44 18.37 -11.04
C PRO C 96 22.08 18.94 -10.64
N SER C 97 22.07 19.86 -9.68
CA SER C 97 20.83 20.42 -9.14
C SER C 97 20.03 21.18 -10.20
N ASP C 98 20.70 21.64 -11.25
CA ASP C 98 20.03 22.35 -12.34
C ASP C 98 19.05 21.49 -13.12
N ILE C 99 19.04 20.18 -12.90
CA ILE C 99 17.98 19.34 -13.44
C ILE C 99 16.59 19.85 -13.04
N ARG C 100 16.48 20.50 -11.88
CA ARG C 100 15.24 21.10 -11.40
C ARG C 100 14.58 22.08 -12.37
N TYR C 101 15.40 22.76 -13.19
CA TYR C 101 14.93 23.86 -14.03
C TYR C 101 14.88 23.48 -15.52
N LEU C 102 15.11 22.22 -15.82
CA LEU C 102 15.24 21.76 -17.20
C LEU C 102 13.93 21.77 -17.97
N ASP C 103 12.82 21.65 -17.25
CA ASP C 103 11.51 21.51 -17.85
C ASP C 103 10.53 22.01 -16.82
N PRO C 104 9.54 22.81 -17.24
CA PRO C 104 8.61 23.39 -16.26
C PRO C 104 7.66 22.37 -15.64
N ASN C 105 7.62 21.17 -16.19
CA ASN C 105 6.79 20.10 -15.68
C ASN C 105 7.54 19.13 -14.77
N PHE C 106 8.79 19.45 -14.42
CA PHE C 106 9.57 18.58 -13.55
C PHE C 106 9.26 18.76 -12.07
N SER C 107 9.14 17.64 -11.38
CA SER C 107 9.17 17.62 -9.92
C SER C 107 10.03 16.47 -9.49
N LEU C 108 10.95 16.75 -8.58
CA LEU C 108 11.81 15.71 -8.01
C LEU C 108 11.33 15.28 -6.62
N GLU C 110 9.25 12.79 -4.21
CA GLU C 110 8.91 11.38 -4.22
C GLU C 110 7.46 11.18 -4.63
N GLY C 111 7.24 10.21 -5.51
CA GLY C 111 5.90 9.82 -5.90
C GLY C 111 5.61 9.68 -7.38
N GLY C 112 6.64 9.85 -8.22
CA GLY C 112 6.54 9.56 -9.65
C GLY C 112 7.34 8.32 -9.98
N ILE C 113 6.75 7.43 -10.77
CA ILE C 113 7.38 6.17 -11.17
C ILE C 113 7.10 5.91 -12.66
N PRO C 114 8.11 5.47 -13.43
CA PRO C 114 7.87 5.17 -14.82
C PRO C 114 7.05 3.90 -14.97
N ILE C 115 6.24 3.85 -16.02
CA ILE C 115 5.46 2.67 -16.34
C ILE C 115 6.14 1.98 -17.49
N ILE C 116 6.45 0.70 -17.29
CA ILE C 116 7.25 -0.08 -18.22
C ILE C 116 6.50 -1.33 -18.64
N LEU C 117 6.44 -1.56 -19.94
CA LEU C 117 5.84 -2.78 -20.49
C LEU C 117 6.82 -3.34 -21.50
N GLU C 118 7.14 -4.63 -21.34
CA GLU C 118 8.08 -5.30 -22.25
C GLU C 118 9.32 -4.44 -22.53
N ASN C 119 9.90 -3.92 -21.45
CA ASN C 119 11.15 -3.14 -21.49
CA ASN C 119 11.15 -3.15 -21.50
C ASN C 119 11.06 -1.83 -22.26
N VAL C 120 9.85 -1.29 -22.40
CA VAL C 120 9.63 0.01 -23.04
C VAL C 120 8.92 0.91 -22.03
N VAL C 121 9.40 2.13 -21.86
CA VAL C 121 8.70 3.09 -21.00
C VAL C 121 7.50 3.60 -21.79
N VAL C 122 6.31 3.34 -21.25
CA VAL C 122 5.05 3.64 -21.93
C VAL C 122 4.26 4.78 -21.26
N GLY C 123 4.76 5.31 -20.14
CA GLY C 123 4.08 6.38 -19.47
C GLY C 123 4.66 6.56 -18.08
N GLY C 124 3.92 7.26 -17.25
CA GLY C 124 4.31 7.52 -15.87
C GLY C 124 3.11 7.65 -14.98
N ILE C 125 3.30 7.35 -13.70
CA ILE C 125 2.28 7.54 -12.68
C ILE C 125 2.85 8.44 -11.59
N GLY C 126 2.01 9.34 -11.09
CA GLY C 126 2.41 10.21 -10.00
C GLY C 126 1.28 10.40 -9.01
N VAL C 127 1.65 10.58 -7.75
CA VAL C 127 0.70 10.78 -6.67
C VAL C 127 1.15 11.95 -5.82
N GLY C 128 0.22 12.80 -5.46
CA GLY C 128 0.48 13.87 -4.51
C GLY C 128 -0.64 14.01 -3.50
N GLY C 129 -0.26 14.41 -2.29
CA GLY C 129 -1.21 14.72 -1.23
C GLY C 129 -0.96 13.97 0.05
N ALA C 130 -0.06 12.99 0.04
CA ALA C 130 0.30 12.22 1.22
C ALA C 130 1.76 12.46 1.54
N HIS C 131 2.24 11.89 2.63
CA HIS C 131 3.67 11.96 2.91
C HIS C 131 4.41 11.36 1.72
N GLY C 132 5.62 11.84 1.45
CA GLY C 132 6.44 11.33 0.37
C GLY C 132 6.42 9.82 0.27
N SER C 133 6.66 9.13 1.38
CA SER C 133 6.71 7.68 1.32
C SER C 133 5.39 7.09 0.87
N GLU C 134 4.29 7.70 1.31
CA GLU C 134 2.97 7.24 0.91
C GLU C 134 2.64 7.59 -0.55
N ASP C 135 3.11 8.74 -1.02
CA ASP C 135 2.96 9.04 -2.44
C ASP C 135 3.63 7.92 -3.27
N GLY C 136 4.84 7.53 -2.86
CA GLY C 136 5.56 6.47 -3.55
C GLY C 136 4.85 5.12 -3.45
N ARG C 137 4.38 4.79 -2.26
CA ARG C 137 3.71 3.51 -2.05
C ARG C 137 2.43 3.42 -2.89
N LEU C 138 1.68 4.51 -2.93
CA LEU C 138 0.47 4.56 -3.73
C LEU C 138 0.78 4.45 -5.23
N ALA C 139 1.81 5.15 -5.71
CA ALA C 139 2.21 4.99 -7.10
C ALA C 139 2.54 3.52 -7.40
N ARG C 140 3.24 2.85 -6.48
CA ARG C 140 3.59 1.44 -6.70
C ARG C 140 2.35 0.54 -6.76
N ILE C 141 1.33 0.86 -5.97
CA ILE C 141 0.07 0.11 -5.97
C ILE C 141 -0.53 0.13 -7.37
N GLY C 142 -0.46 1.29 -8.03
CA GLY C 142 -1.03 1.44 -9.36
C GLY C 142 -0.32 0.57 -10.37
N LEU C 143 0.99 0.44 -10.23
CA LEU C 143 1.79 -0.34 -11.17
C LEU C 143 1.39 -1.80 -11.22
N LEU C 144 0.80 -2.31 -10.14
CA LEU C 144 0.45 -3.72 -10.04
C LEU C 144 -0.59 -4.15 -11.08
N VAL C 145 -1.36 -3.19 -11.60
CA VAL C 145 -2.19 -3.41 -12.79
C VAL C 145 -1.44 -4.09 -13.94
N LEU C 146 -0.17 -3.74 -14.14
N LEU C 146 -0.17 -3.74 -14.14
CA LEU C 146 0.63 -4.25 -15.26
CA LEU C 146 0.63 -4.25 -15.26
C LEU C 146 1.64 -5.34 -14.85
C LEU C 146 1.63 -5.33 -14.86
N GLN C 147 1.44 -5.93 -13.68
CA GLN C 147 2.38 -6.91 -13.14
C GLN C 147 2.44 -8.21 -13.95
N HIS C 148 3.51 -8.96 -13.74
CA HIS C 148 3.62 -10.33 -14.28
C HIS C 148 4.39 -11.21 -13.30
N ALA D 11 -23.07 34.22 9.44
CA ALA D 11 -23.09 32.80 9.92
C ALA D 11 -22.49 31.88 8.86
N ILE D 12 -22.20 30.65 9.27
CA ILE D 12 -21.62 29.66 8.35
C ILE D 12 -22.69 29.17 7.37
N VAL D 13 -22.34 29.17 6.08
CA VAL D 13 -23.17 28.61 5.01
C VAL D 13 -22.59 27.24 4.62
N ARG D 14 -23.46 26.23 4.51
CA ARG D 14 -23.06 24.88 4.13
C ARG D 14 -23.79 24.49 2.85
N GLU D 15 -23.05 23.86 1.93
CA GLU D 15 -23.59 23.48 0.63
C GLU D 15 -23.05 22.10 0.25
N PRO D 16 -23.75 21.42 -0.66
CA PRO D 16 -23.19 20.17 -1.18
C PRO D 16 -21.80 20.33 -1.77
N VAL D 17 -21.03 19.24 -1.69
CA VAL D 17 -19.74 19.19 -2.36
CA VAL D 17 -19.68 19.12 -2.27
C VAL D 17 -19.68 17.91 -3.19
N LEU D 18 -19.27 18.07 -4.44
CA LEU D 18 -19.11 16.92 -5.33
C LEU D 18 -17.89 16.13 -4.82
N THR D 19 -18.10 14.88 -4.45
CA THR D 19 -17.03 14.10 -3.87
C THR D 19 -16.13 13.49 -4.94
N GLY D 20 -14.94 13.10 -4.53
CA GLY D 20 -14.03 12.41 -5.42
C GLY D 20 -14.67 11.13 -5.92
N GLU D 21 -15.38 10.41 -5.04
CA GLU D 21 -16.05 9.18 -5.42
C GLU D 21 -17.12 9.42 -6.48
N GLN D 22 -17.86 10.51 -6.34
CA GLN D 22 -18.88 10.86 -7.32
CA GLN D 22 -18.89 10.87 -7.30
C GLN D 22 -18.25 11.18 -8.67
N ALA D 23 -17.19 11.98 -8.65
CA ALA D 23 -16.50 12.34 -9.90
C ALA D 23 -15.94 11.10 -10.57
N GLN D 24 -15.36 10.21 -9.77
CA GLN D 24 -14.82 8.96 -10.28
C GLN D 24 -15.91 8.10 -10.92
N ALA D 25 -17.04 7.99 -10.24
CA ALA D 25 -18.15 7.20 -10.76
C ALA D 25 -18.65 7.79 -12.09
N VAL D 27 -16.89 9.55 -14.40
CA VAL D 27 -15.99 9.28 -15.50
C VAL D 27 -16.03 7.80 -15.87
N GLU D 28 -16.15 6.91 -14.88
CA GLU D 28 -16.22 5.47 -15.15
CA GLU D 28 -16.23 5.47 -15.13
C GLU D 28 -17.44 5.14 -16.02
N VAL D 29 -18.61 5.67 -15.67
CA VAL D 29 -19.84 5.35 -16.41
CA VAL D 29 -19.83 5.35 -16.43
C VAL D 29 -19.77 5.93 -17.83
N VAL D 30 -19.22 7.14 -17.96
CA VAL D 30 -19.08 7.73 -19.28
C VAL D 30 -18.14 6.93 -20.18
N HIS D 32 -17.46 3.76 -19.99
CA HIS D 32 -18.10 2.50 -20.33
C HIS D 32 -19.06 2.71 -21.50
N GLU D 33 -19.86 3.78 -21.39
CA GLU D 33 -20.82 4.10 -22.42
C GLU D 33 -20.13 4.47 -23.72
N ALA D 34 -19.04 5.24 -23.65
CA ALA D 34 -18.27 5.60 -24.83
C ALA D 34 -17.78 4.35 -25.56
N ARG D 35 -17.24 3.40 -24.80
CA ARG D 35 -16.77 2.12 -25.37
CA ARG D 35 -16.78 2.15 -25.39
CA ARG D 35 -16.76 2.15 -25.38
C ARG D 35 -17.92 1.39 -26.05
N GLU D 36 -19.04 1.25 -25.34
CA GLU D 36 -20.22 0.56 -25.87
CA GLU D 36 -20.21 0.55 -25.86
C GLU D 36 -20.77 1.25 -27.10
N SER D 37 -20.50 2.54 -27.22
CA SER D 37 -20.99 3.36 -28.33
C SER D 37 -19.98 3.55 -29.46
N GLY D 38 -18.81 2.91 -29.37
CA GLY D 38 -17.82 2.99 -30.43
C GLY D 38 -16.98 4.27 -30.49
N HIS D 39 -16.92 5.03 -29.41
CA HIS D 39 -16.22 6.32 -29.39
C HIS D 39 -14.93 6.26 -28.60
N ALA D 40 -13.95 7.06 -29.03
CA ALA D 40 -12.71 7.28 -28.29
C ALA D 40 -12.74 8.72 -27.78
N VAL D 41 -12.88 8.89 -26.46
CA VAL D 41 -13.11 10.21 -25.87
C VAL D 41 -12.22 10.45 -24.68
N THR D 42 -12.21 11.71 -24.25
CA THR D 42 -11.85 12.07 -22.88
C THR D 42 -13.09 12.62 -22.20
N VAL D 43 -13.27 12.24 -20.95
CA VAL D 43 -14.28 12.84 -20.09
C VAL D 43 -13.52 13.50 -18.92
N THR D 44 -13.94 14.73 -18.59
CA THR D 44 -13.37 15.47 -17.48
C THR D 44 -14.48 16.00 -16.59
N VAL D 45 -14.28 15.86 -15.28
CA VAL D 45 -15.18 16.44 -14.29
C VAL D 45 -14.36 17.46 -13.51
N VAL D 46 -14.92 18.66 -13.35
CA VAL D 46 -14.33 19.73 -12.56
C VAL D 46 -15.21 20.06 -11.37
N ASP D 47 -14.57 20.62 -10.34
CA ASP D 47 -15.25 21.11 -9.16
C ASP D 47 -15.91 22.47 -9.47
N ARG D 48 -16.54 23.09 -8.49
CA ARG D 48 -17.34 24.26 -8.82
CA ARG D 48 -17.34 24.28 -8.75
C ARG D 48 -16.50 25.48 -9.14
N SER D 49 -15.21 25.42 -8.83
CA SER D 49 -14.27 26.47 -9.21
C SER D 49 -13.48 26.12 -10.46
N GLY D 50 -13.94 25.12 -11.19
CA GLY D 50 -13.33 24.76 -12.47
C GLY D 50 -12.05 23.95 -12.38
N GLN D 51 -11.73 23.41 -11.22
CA GLN D 51 -10.51 22.62 -11.04
CA GLN D 51 -10.51 22.63 -11.06
C GLN D 51 -10.81 21.14 -11.12
N ILE D 52 -9.99 20.41 -11.88
CA ILE D 52 -10.23 19.02 -12.17
C ILE D 52 -10.40 18.18 -10.92
N LEU D 53 -11.42 17.32 -10.97
CA LEU D 53 -11.57 16.20 -10.03
C LEU D 53 -11.29 14.85 -10.69
N ALA D 54 -11.62 14.68 -11.97
CA ALA D 54 -11.41 13.39 -12.63
C ALA D 54 -11.26 13.59 -14.13
N VAL D 55 -10.38 12.77 -14.72
CA VAL D 55 -10.18 12.71 -16.16
C VAL D 55 -9.96 11.26 -16.54
N LEU D 56 -10.63 10.80 -17.60
CA LEU D 56 -10.24 9.54 -18.24
C LEU D 56 -10.19 9.79 -19.74
N ARG D 57 -9.11 9.33 -20.36
CA ARG D 57 -8.90 9.44 -21.81
C ARG D 57 -8.63 8.07 -22.39
N ASP D 58 -9.27 7.79 -23.52
CA ASP D 58 -8.98 6.59 -24.31
C ASP D 58 -7.63 6.77 -25.01
N HIS D 59 -6.83 5.72 -25.11
CA HIS D 59 -5.53 5.85 -25.77
C HIS D 59 -5.65 6.13 -27.28
N HIS D 60 -6.84 5.98 -27.86
CA HIS D 60 -7.07 6.41 -29.24
C HIS D 60 -7.79 7.74 -29.35
N ALA D 61 -7.98 8.43 -28.24
CA ALA D 61 -8.54 9.77 -28.26
C ALA D 61 -7.37 10.75 -28.40
N GLY D 62 -7.47 11.69 -29.33
CA GLY D 62 -6.42 12.68 -29.53
C GLY D 62 -6.22 13.51 -28.29
N VAL D 63 -5.01 14.02 -28.09
CA VAL D 63 -4.75 14.78 -26.87
C VAL D 63 -5.55 16.06 -26.81
N HIS D 64 -6.06 16.58 -27.93
CA HIS D 64 -6.89 17.78 -27.84
C HIS D 64 -8.14 17.52 -27.02
N THR D 65 -8.55 16.27 -26.88
CA THR D 65 -9.77 15.97 -26.14
C THR D 65 -9.58 16.25 -24.65
N LEU D 66 -8.33 16.29 -24.17
CA LEU D 66 -8.05 16.72 -22.81
C LEU D 66 -8.50 18.17 -22.64
N ASN D 67 -8.06 19.03 -23.56
CA ASN D 67 -8.46 20.43 -23.56
CA ASN D 67 -8.46 20.43 -23.53
C ASN D 67 -9.95 20.60 -23.81
N ALA D 68 -10.47 19.88 -24.80
CA ALA D 68 -11.86 20.05 -25.18
C ALA D 68 -12.77 19.71 -24.00
N SER D 69 -12.53 18.58 -23.38
CA SER D 69 -13.37 18.13 -22.28
C SER D 69 -13.24 19.03 -21.07
N TYR D 70 -12.02 19.44 -20.73
CA TYR D 70 -11.82 20.37 -19.62
C TYR D 70 -12.54 21.68 -19.88
N LYS D 71 -12.33 22.26 -21.06
CA LYS D 71 -12.93 23.56 -21.35
C LYS D 71 -14.45 23.48 -21.25
N LYS D 72 -15.04 22.42 -21.79
CA LYS D 72 -16.50 22.29 -21.73
C LYS D 72 -16.98 22.15 -20.29
N ALA D 73 -16.27 21.35 -19.49
CA ALA D 73 -16.65 21.15 -18.09
C ALA D 73 -16.54 22.48 -17.31
N TYR D 74 -15.44 23.19 -17.52
CA TYR D 74 -15.20 24.47 -16.88
C TYR D 74 -16.28 25.47 -17.25
N THR D 75 -16.58 25.53 -18.54
CA THR D 75 -17.54 26.48 -19.07
C THR D 75 -18.91 26.21 -18.48
N ALA D 76 -19.32 24.94 -18.48
CA ALA D 76 -20.64 24.60 -17.98
C ALA D 76 -20.76 24.88 -16.48
N ALA D 77 -19.71 24.57 -15.72
CA ALA D 77 -19.71 24.85 -14.28
C ALA D 77 -19.84 26.35 -14.02
N SER D 78 -19.09 27.15 -14.75
CA SER D 78 -19.01 28.59 -14.48
C SER D 78 -20.23 29.35 -14.99
N GLN D 79 -20.72 28.96 -16.16
CA GLN D 79 -21.90 29.59 -16.74
CA GLN D 79 -21.90 29.58 -16.75
C GLN D 79 -23.21 29.02 -16.22
N LYS D 80 -23.15 27.86 -15.55
CA LYS D 80 -24.34 27.20 -14.99
C LYS D 80 -25.35 26.82 -16.09
N ARG D 81 -24.81 26.52 -17.26
CA ARG D 81 -25.63 26.13 -18.41
CA ARG D 81 -25.61 26.19 -18.45
C ARG D 81 -24.86 25.14 -19.26
N GLU D 82 -25.59 24.33 -19.99
CA GLU D 82 -24.95 23.41 -20.91
C GLU D 82 -24.28 24.21 -22.01
N THR D 83 -23.10 23.78 -22.44
CA THR D 83 -22.38 24.52 -23.47
C THR D 83 -23.18 24.62 -24.78
N VAL D 84 -23.92 23.57 -25.11
CA VAL D 84 -24.78 23.58 -26.32
C VAL D 84 -25.84 24.69 -26.25
N ALA D 85 -26.34 24.96 -25.05
CA ALA D 85 -27.30 26.03 -24.82
C ALA D 85 -26.69 27.40 -25.10
N ILE D 86 -25.43 27.57 -24.72
CA ILE D 86 -24.74 28.83 -24.97
C ILE D 86 -24.53 28.99 -26.48
N ALA D 87 -24.12 27.91 -27.15
CA ALA D 87 -23.95 27.94 -28.61
C ALA D 87 -25.25 28.36 -29.29
N ARG D 88 -26.36 27.78 -28.85
CA ARG D 88 -27.66 28.14 -29.43
CA ARG D 88 -27.70 28.13 -29.37
C ARG D 88 -28.01 29.60 -29.14
N GLY D 89 -27.63 30.11 -27.97
CA GLY D 89 -27.86 31.51 -27.63
C GLY D 89 -27.08 32.48 -28.49
N ILE D 90 -25.87 32.11 -28.86
CA ILE D 90 -25.09 32.89 -29.82
C ILE D 90 -25.83 32.93 -31.16
N ARG D 91 -26.26 31.76 -31.62
CA ARG D 91 -26.95 31.65 -32.91
CA ARG D 91 -26.94 31.64 -32.91
C ARG D 91 -28.27 32.40 -32.93
N ASP D 92 -29.02 32.38 -31.83
CA ASP D 92 -30.33 33.07 -31.78
C ASP D 92 -30.24 34.56 -31.42
N GLY D 93 -29.03 35.05 -31.18
CA GLY D 93 -28.78 36.47 -30.96
C GLY D 93 -28.92 36.96 -29.52
N SER D 94 -29.25 36.07 -28.60
CA SER D 94 -29.38 36.46 -27.18
C SER D 94 -28.04 36.57 -26.45
N ILE D 95 -26.99 35.96 -27.02
CA ILE D 95 -25.66 35.96 -26.42
C ILE D 95 -24.66 36.51 -27.44
N PRO D 96 -23.93 37.57 -27.08
CA PRO D 96 -22.92 38.07 -28.04
C PRO D 96 -21.82 37.04 -28.29
N SER D 97 -21.34 36.97 -29.53
CA SER D 97 -20.32 36.01 -29.94
C SER D 97 -19.01 36.24 -29.19
N ASP D 98 -18.80 37.46 -28.69
CA ASP D 98 -17.60 37.76 -27.90
C ASP D 98 -17.50 36.98 -26.58
N ILE D 99 -18.56 36.28 -26.19
CA ILE D 99 -18.45 35.34 -25.07
C ILE D 99 -17.32 34.34 -25.28
N ARG D 100 -17.00 34.03 -26.53
CA ARG D 100 -15.92 33.11 -26.89
C ARG D 100 -14.56 33.50 -26.28
N TYR D 101 -14.36 34.79 -26.06
CA TYR D 101 -13.07 35.34 -25.67
C TYR D 101 -12.99 35.79 -24.21
N LEU D 102 -14.05 35.52 -23.45
CA LEU D 102 -14.12 35.98 -22.06
C LEU D 102 -13.13 35.31 -21.12
N ASP D 103 -12.73 34.10 -21.45
CA ASP D 103 -11.95 33.26 -20.57
C ASP D 103 -11.22 32.26 -21.45
N PRO D 104 -9.92 32.04 -21.19
CA PRO D 104 -9.15 31.16 -22.07
C PRO D 104 -9.56 29.69 -21.94
N ASN D 105 -10.38 29.38 -20.95
CA ASN D 105 -10.86 28.02 -20.72
C ASN D 105 -12.28 27.81 -21.27
N PHE D 106 -12.80 28.78 -21.99
CA PHE D 106 -14.16 28.65 -22.53
C PHE D 106 -14.20 27.85 -23.81
N SER D 107 -15.18 26.95 -23.90
CA SER D 107 -15.57 26.33 -25.15
C SER D 107 -17.08 26.33 -25.18
N LEU D 108 -17.62 26.85 -26.28
CA LEU D 108 -19.06 26.86 -26.50
C LEU D 108 -19.48 25.71 -27.44
N GLU D 110 -20.77 21.86 -27.93
CA GLU D 110 -21.62 20.94 -27.19
C GLU D 110 -20.77 19.88 -26.50
N GLY D 111 -21.15 19.57 -25.26
CA GLY D 111 -20.50 18.50 -24.52
C GLY D 111 -20.17 18.82 -23.09
N GLY D 112 -20.47 20.03 -22.63
CA GLY D 112 -20.34 20.38 -21.22
C GLY D 112 -21.70 20.57 -20.58
N ILE D 113 -21.84 20.05 -19.36
CA ILE D 113 -23.10 20.13 -18.61
C ILE D 113 -22.79 20.47 -17.16
N PRO D 114 -23.54 21.40 -16.56
CA PRO D 114 -23.31 21.71 -15.14
C PRO D 114 -23.79 20.58 -14.25
N ILE D 115 -23.11 20.39 -13.12
CA ILE D 115 -23.49 19.38 -12.13
C ILE D 115 -24.12 20.13 -10.98
N ILE D 116 -25.38 19.80 -10.69
CA ILE D 116 -26.18 20.52 -9.72
C ILE D 116 -26.66 19.54 -8.66
N LEU D 117 -26.45 19.91 -7.40
CA LEU D 117 -26.95 19.14 -6.26
C LEU D 117 -27.68 20.12 -5.36
N GLU D 118 -28.93 19.79 -5.04
CA GLU D 118 -29.75 20.64 -4.18
C GLU D 118 -29.69 22.12 -4.55
N ASN D 119 -29.87 22.41 -5.84
CA ASN D 119 -29.94 23.77 -6.36
C ASN D 119 -28.62 24.54 -6.28
N VAL D 120 -27.53 23.81 -6.08
CA VAL D 120 -26.19 24.41 -6.05
C VAL D 120 -25.36 23.80 -7.18
N VAL D 121 -24.73 24.66 -7.98
CA VAL D 121 -23.78 24.16 -8.96
C VAL D 121 -22.51 23.74 -8.22
N VAL D 122 -22.19 22.46 -8.33
CA VAL D 122 -21.05 21.88 -7.61
C VAL D 122 -19.90 21.50 -8.52
N GLY D 123 -20.09 21.63 -9.82
CA GLY D 123 -19.05 21.25 -10.77
C GLY D 123 -19.58 21.20 -12.17
N GLY D 124 -18.80 20.61 -13.05
CA GLY D 124 -19.17 20.45 -14.43
C GLY D 124 -18.56 19.19 -15.00
N ILE D 125 -19.21 18.65 -16.01
CA ILE D 125 -18.70 17.52 -16.76
C ILE D 125 -18.60 17.89 -18.23
N GLY D 126 -17.52 17.44 -18.88
CA GLY D 126 -17.31 17.67 -20.29
C GLY D 126 -16.74 16.47 -20.99
N VAL D 127 -17.11 16.32 -22.24
CA VAL D 127 -16.66 15.20 -23.07
C VAL D 127 -16.19 15.76 -24.40
N GLY D 128 -15.07 15.23 -24.87
CA GLY D 128 -14.58 15.53 -26.21
C GLY D 128 -14.11 14.27 -26.89
N GLY D 129 -14.29 14.22 -28.21
CA GLY D 129 -13.83 13.11 -29.03
C GLY D 129 -14.91 12.42 -29.84
N ALA D 130 -16.17 12.69 -29.51
CA ALA D 130 -17.31 12.07 -30.20
C ALA D 130 -18.08 13.06 -31.07
N HIS D 131 -17.60 14.30 -31.14
N HIS D 131 -17.55 14.28 -31.16
CA HIS D 131 -18.01 15.25 -32.17
CA HIS D 131 -18.20 15.40 -31.81
C HIS D 131 -19.46 15.76 -32.06
C HIS D 131 -19.51 15.76 -31.11
N GLY D 132 -19.75 16.50 -30.99
N GLY D 132 -20.12 16.85 -31.56
CA GLY D 132 -21.00 17.25 -30.87
CA GLY D 132 -21.17 17.52 -30.80
C GLY D 132 -22.13 16.59 -30.08
C GLY D 132 -22.18 16.66 -30.07
N SER D 133 -23.13 16.09 -30.79
CA SER D 133 -24.31 15.50 -30.17
CA SER D 133 -24.31 15.51 -30.15
CA SER D 133 -24.31 15.52 -30.16
C SER D 133 -23.94 14.36 -29.23
N GLU D 134 -23.02 13.51 -29.67
CA GLU D 134 -22.60 12.39 -28.81
C GLU D 134 -21.78 12.83 -27.60
N ASP D 135 -20.99 13.90 -27.75
CA ASP D 135 -20.33 14.48 -26.57
C ASP D 135 -21.37 14.92 -25.52
N GLY D 136 -22.44 15.59 -25.95
CA GLY D 136 -23.52 15.98 -25.04
C GLY D 136 -24.20 14.79 -24.42
N ARG D 137 -24.48 13.76 -25.22
CA ARG D 137 -25.17 12.59 -24.71
C ARG D 137 -24.30 11.88 -23.68
N LEU D 138 -23.03 11.70 -23.99
CA LEU D 138 -22.11 11.05 -23.04
C LEU D 138 -21.97 11.84 -21.74
N ALA D 139 -21.91 13.16 -21.84
CA ALA D 139 -21.82 13.99 -20.64
C ALA D 139 -23.06 13.77 -19.77
N ARG D 140 -24.22 13.69 -20.42
CA ARG D 140 -25.48 13.46 -19.72
CA ARG D 140 -25.49 13.45 -19.73
C ARG D 140 -25.50 12.11 -18.99
N ILE D 141 -24.92 11.10 -19.63
CA ILE D 141 -24.79 9.77 -19.01
C ILE D 141 -24.08 9.87 -17.67
N GLY D 142 -23.05 10.72 -17.57
CA GLY D 142 -22.34 10.88 -16.31
C GLY D 142 -23.22 11.29 -15.15
N LEU D 143 -24.26 12.07 -15.42
CA LEU D 143 -25.17 12.52 -14.38
C LEU D 143 -25.96 11.38 -13.72
N LEU D 144 -26.04 10.21 -14.37
CA LEU D 144 -26.81 9.08 -13.83
C LEU D 144 -26.35 8.65 -12.45
N VAL D 145 -25.05 8.76 -12.19
CA VAL D 145 -24.38 8.44 -10.93
CA VAL D 145 -24.54 8.28 -10.92
C VAL D 145 -24.97 9.17 -9.74
N LEU D 146 -25.48 10.36 -10.00
CA LEU D 146 -25.89 11.27 -8.95
C LEU D 146 -27.37 11.11 -8.62
N GLN D 147 -28.12 10.48 -9.51
CA GLN D 147 -29.57 10.31 -9.36
C GLN D 147 -29.88 8.95 -8.73
#